data_2W59
#
_entry.id   2W59
#
_cell.length_a   68.481
_cell.length_b   80.140
_cell.length_c   99.135
_cell.angle_alpha   90.00
_cell.angle_beta   90.00
_cell.angle_gamma   90.00
#
_symmetry.space_group_name_H-M   'P 21 21 21'
#
loop_
_entity.id
_entity.type
_entity.pdbx_description
1 polymer 'IGY FCU3-4'
2 branched alpha-D-mannopyranose-(1-4)-2-acetamido-2-deoxy-beta-D-glucopyranose-(1-4)-2-acetamido-2-deoxy-beta-D-glucopyranose
3 non-polymer GLYCEROL
4 water water
#
_entity_poly.entity_id   1
_entity_poly.type   'polypeptide(L)'
_entity_poly.pdbx_seq_one_letter_code
;DISPDGAQSCSPIQLYAIPPSPGELYISLDAKLRCLVVNLPSDSSLSVTWTREKSGNLRPDPMVLQEHFNGTYSASSAVP
VSTQDWLSGERFTCTVQHEELPLPLSKSVYRNTGPTTPPLIYPFAPHPEELSLSRVTLSCLVRGFRPRDIEIRWLRDHRA
VPATEFVTTAVLPEERTANGAGGDGDTFFVYSKMSVETAKWNGGTVFACMAVHEALPMRFSQRTLQKQAGK
;
_entity_poly.pdbx_strand_id   A,B
#
# COMPACT_ATOMS: atom_id res chain seq x y z
N PRO A 12 -20.52 9.06 11.40
CA PRO A 12 -20.27 9.61 10.06
C PRO A 12 -20.57 8.58 8.98
N ILE A 13 -21.81 8.55 8.48
CA ILE A 13 -22.17 7.62 7.42
C ILE A 13 -21.38 7.92 6.15
N GLN A 14 -20.70 6.90 5.63
CA GLN A 14 -19.90 7.05 4.42
C GLN A 14 -20.32 6.05 3.34
N LEU A 15 -20.08 6.43 2.09
CA LEU A 15 -20.47 5.60 0.95
C LEU A 15 -19.29 5.37 0.03
N TYR A 16 -19.08 4.12 -0.36
CA TYR A 16 -17.99 3.78 -1.29
C TYR A 16 -18.53 3.03 -2.50
N ALA A 17 -18.09 3.44 -3.68
CA ALA A 17 -18.46 2.72 -4.91
C ALA A 17 -17.26 1.90 -5.36
N ILE A 18 -17.49 0.62 -5.63
CA ILE A 18 -16.41 -0.31 -5.88
C ILE A 18 -16.56 -0.93 -7.27
N PRO A 19 -15.53 -0.74 -8.12
CA PRO A 19 -15.58 -1.23 -9.49
C PRO A 19 -15.40 -2.73 -9.52
N PRO A 20 -15.84 -3.37 -10.60
CA PRO A 20 -15.59 -4.80 -10.73
C PRO A 20 -14.10 -5.07 -10.96
N SER A 21 -13.65 -6.26 -10.57
CA SER A 21 -12.25 -6.63 -10.72
C SER A 21 -11.99 -7.14 -12.13
N PRO A 22 -10.74 -7.05 -12.59
CA PRO A 22 -10.43 -7.58 -13.92
C PRO A 22 -10.71 -9.08 -14.03
N GLY A 23 -10.49 -9.84 -12.96
CA GLY A 23 -10.82 -11.25 -12.97
C GLY A 23 -12.27 -11.50 -13.29
N GLU A 24 -13.16 -10.75 -12.64
CA GLU A 24 -14.60 -10.87 -12.88
C GLU A 24 -14.98 -10.41 -14.29
N LEU A 25 -14.34 -9.35 -14.77
CA LEU A 25 -14.66 -8.80 -16.09
C LEU A 25 -14.24 -9.71 -17.24
N TYR A 26 -13.10 -10.36 -17.10
CA TYR A 26 -12.48 -11.01 -18.26
C TYR A 26 -12.35 -12.52 -18.15
N ILE A 27 -12.23 -13.03 -16.93
CA ILE A 27 -12.02 -14.45 -16.74
C ILE A 27 -13.34 -15.15 -16.42
N SER A 28 -13.97 -14.76 -15.33
CA SER A 28 -15.20 -15.44 -14.93
C SER A 28 -16.47 -14.82 -15.51
N LEU A 29 -16.34 -13.63 -16.09
CA LEU A 29 -17.46 -12.96 -16.75
C LEU A 29 -18.69 -12.86 -15.85
N ASP A 30 -18.47 -12.46 -14.61
CA ASP A 30 -19.57 -12.27 -13.67
C ASP A 30 -19.37 -10.97 -12.90
N ALA A 31 -18.97 -9.93 -13.63
CA ALA A 31 -18.67 -8.64 -13.03
C ALA A 31 -19.86 -8.03 -12.32
N LYS A 32 -19.59 -7.34 -11.22
CA LYS A 32 -20.63 -6.66 -10.49
C LYS A 32 -20.09 -5.34 -9.98
N LEU A 33 -20.94 -4.33 -10.03
CA LEU A 33 -20.66 -3.06 -9.37
C LEU A 33 -21.07 -3.25 -7.93
N ARG A 34 -20.35 -2.62 -7.01
CA ARG A 34 -20.69 -2.77 -5.59
C ARG A 34 -20.71 -1.43 -4.87
N CYS A 35 -21.63 -1.30 -3.93
CA CYS A 35 -21.80 -0.08 -3.15
C CYS A 35 -21.71 -0.50 -1.69
N LEU A 36 -20.88 0.18 -0.91
CA LEU A 36 -20.75 -0.13 0.50
C LEU A 36 -21.06 1.11 1.34
N VAL A 37 -21.99 0.96 2.28
CA VAL A 37 -22.36 2.05 3.19
C VAL A 37 -21.91 1.66 4.58
N VAL A 38 -21.13 2.54 5.23
CA VAL A 38 -20.61 2.25 6.56
C VAL A 38 -21.12 3.24 7.61
N ASN A 39 -21.04 2.81 8.87
CA ASN A 39 -21.41 3.66 10.01
C ASN A 39 -22.92 3.93 10.11
N LEU A 40 -23.74 3.02 9.59
CA LEU A 40 -25.18 3.14 9.75
C LEU A 40 -25.56 2.84 11.21
N PRO A 41 -26.25 3.80 11.85
CA PRO A 41 -26.74 3.60 13.22
C PRO A 41 -27.88 2.60 13.26
N SER A 42 -28.54 2.41 12.12
CA SER A 42 -29.70 1.52 12.02
C SER A 42 -30.08 1.30 10.56
N ASP A 43 -30.98 0.36 10.32
CA ASP A 43 -31.49 0.11 8.98
C ASP A 43 -32.79 0.89 8.74
N SER A 44 -33.10 1.79 9.68
CA SER A 44 -34.34 2.56 9.61
C SER A 44 -34.40 3.44 8.37
N SER A 45 -35.36 3.12 7.49
CA SER A 45 -35.60 3.88 6.27
C SER A 45 -34.43 3.83 5.30
N LEU A 46 -33.62 2.77 5.41
CA LEU A 46 -32.47 2.59 4.54
C LEU A 46 -32.90 2.19 3.13
N SER A 47 -32.31 2.84 2.13
CA SER A 47 -32.55 2.48 0.74
C SER A 47 -31.32 2.76 -0.09
N VAL A 48 -30.94 1.80 -0.93
CA VAL A 48 -29.82 1.95 -1.85
C VAL A 48 -30.30 1.71 -3.27
N THR A 49 -30.14 2.72 -4.12
CA THR A 49 -30.63 2.65 -5.49
C THR A 49 -29.53 2.92 -6.50
N TRP A 50 -29.65 2.30 -7.68
CA TRP A 50 -28.66 2.47 -8.73
C TRP A 50 -29.26 3.15 -9.95
N THR A 51 -28.42 3.91 -10.65
CA THR A 51 -28.81 4.53 -11.92
C THR A 51 -27.67 4.38 -12.93
N ARG A 52 -28.00 4.50 -14.21
CA ARG A 52 -27.01 4.43 -15.27
C ARG A 52 -27.26 5.54 -16.29
N GLU A 53 -26.45 5.57 -17.35
CA GLU A 53 -26.58 6.65 -18.33
C GLU A 53 -27.41 6.26 -19.56
N LYS A 54 -27.19 5.05 -20.05
CA LYS A 54 -27.92 4.57 -21.22
C LYS A 54 -29.26 3.97 -20.81
N SER A 55 -30.21 3.95 -21.75
CA SER A 55 -31.50 3.34 -21.47
C SER A 55 -31.29 1.87 -21.12
N GLY A 56 -32.04 1.39 -20.15
CA GLY A 56 -31.92 0.01 -19.73
C GLY A 56 -32.12 -0.16 -18.23
N ASN A 57 -32.72 -1.29 -17.85
CA ASN A 57 -33.00 -1.57 -16.46
C ASN A 57 -31.84 -2.30 -15.77
N LEU A 58 -31.26 -1.64 -14.78
CA LEU A 58 -30.27 -2.30 -13.92
C LEU A 58 -31.02 -3.25 -12.99
N ARG A 59 -30.38 -4.38 -12.67
CA ARG A 59 -31.00 -5.41 -11.86
C ARG A 59 -30.15 -5.71 -10.63
N PRO A 60 -30.20 -4.81 -9.64
CA PRO A 60 -29.37 -4.98 -8.44
C PRO A 60 -29.65 -6.29 -7.72
N ASP A 61 -28.61 -6.91 -7.18
CA ASP A 61 -28.78 -8.02 -6.24
C ASP A 61 -29.49 -7.48 -5.00
N PRO A 62 -30.04 -8.38 -4.17
CA PRO A 62 -30.64 -7.90 -2.92
C PRO A 62 -29.59 -7.31 -2.00
N MET A 63 -29.98 -6.27 -1.27
CA MET A 63 -29.09 -5.61 -0.32
C MET A 63 -28.67 -6.56 0.79
N VAL A 64 -27.44 -6.39 1.28
CA VAL A 64 -26.94 -7.20 2.38
C VAL A 64 -26.50 -6.32 3.54
N LEU A 65 -26.93 -6.69 4.74
CA LEU A 65 -26.64 -5.93 5.95
C LEU A 65 -25.71 -6.70 6.87
N GLN A 66 -24.84 -5.98 7.55
CA GLN A 66 -23.98 -6.57 8.58
C GLN A 66 -23.96 -5.74 9.86
N GLU A 67 -24.11 -6.41 10.99
CA GLU A 67 -23.97 -5.77 12.29
C GLU A 67 -22.53 -5.96 12.76
N HIS A 68 -21.92 -4.89 13.27
CA HIS A 68 -20.53 -4.96 13.71
C HIS A 68 -20.41 -4.85 15.23
N PHE A 69 -19.20 -5.07 15.73
CA PHE A 69 -18.92 -4.97 17.17
C PHE A 69 -18.86 -3.52 17.63
N ASN A 70 -18.41 -2.63 16.74
CA ASN A 70 -18.33 -1.22 17.07
C ASN A 70 -19.69 -0.52 17.11
N GLY A 71 -20.76 -1.32 17.11
CA GLY A 71 -22.11 -0.80 17.28
C GLY A 71 -22.82 -0.42 16.00
N THR A 72 -22.07 -0.11 14.96
CA THR A 72 -22.67 0.35 13.70
C THR A 72 -23.08 -0.78 12.77
N TYR A 73 -23.83 -0.43 11.73
CA TYR A 73 -24.22 -1.38 10.70
C TYR A 73 -23.61 -0.95 9.38
N SER A 74 -23.27 -1.93 8.54
CA SER A 74 -22.88 -1.62 7.17
C SER A 74 -23.85 -2.29 6.21
N ALA A 75 -23.95 -1.73 5.01
CA ALA A 75 -24.82 -2.30 4.00
C ALA A 75 -24.06 -2.35 2.68
N SER A 76 -24.27 -3.43 1.93
CA SER A 76 -23.67 -3.54 0.61
C SER A 76 -24.71 -3.92 -0.44
N SER A 77 -24.52 -3.38 -1.63
CA SER A 77 -25.41 -3.63 -2.75
C SER A 77 -24.56 -3.94 -3.97
N ALA A 78 -24.83 -5.05 -4.64
CA ALA A 78 -24.08 -5.44 -5.83
C ALA A 78 -25.00 -5.49 -7.03
N VAL A 79 -24.52 -5.04 -8.19
CA VAL A 79 -25.33 -5.11 -9.40
C VAL A 79 -24.56 -5.69 -10.57
N PRO A 80 -25.11 -6.72 -11.21
CA PRO A 80 -24.41 -7.31 -12.35
C PRO A 80 -24.22 -6.27 -13.44
N VAL A 81 -23.08 -6.29 -14.09
CA VAL A 81 -22.79 -5.37 -15.18
C VAL A 81 -22.06 -6.16 -16.26
N SER A 82 -22.46 -5.98 -17.52
CA SER A 82 -21.81 -6.69 -18.60
C SER A 82 -20.44 -6.09 -18.83
N THR A 83 -19.50 -6.92 -19.26
CA THR A 83 -18.16 -6.42 -19.53
C THR A 83 -18.20 -5.33 -20.60
N GLN A 84 -19.02 -5.53 -21.62
CA GLN A 84 -19.15 -4.55 -22.70
C GLN A 84 -19.62 -3.20 -22.17
N ASP A 85 -20.66 -3.22 -21.33
CA ASP A 85 -21.17 -1.98 -20.74
C ASP A 85 -20.14 -1.28 -19.85
N TRP A 86 -19.33 -2.07 -19.16
CA TRP A 86 -18.27 -1.51 -18.33
C TRP A 86 -17.18 -0.89 -19.22
N LEU A 87 -16.76 -1.63 -20.24
CA LEU A 87 -15.69 -1.17 -21.11
C LEU A 87 -16.09 0.08 -21.89
N SER A 88 -17.40 0.28 -22.06
CA SER A 88 -17.92 1.40 -22.85
C SER A 88 -17.68 2.76 -22.19
N GLY A 89 -17.37 2.76 -20.90
CA GLY A 89 -17.10 3.99 -20.18
C GLY A 89 -18.34 4.60 -19.59
N GLU A 90 -19.46 3.89 -19.71
CA GLU A 90 -20.72 4.37 -19.13
C GLU A 90 -20.54 4.55 -17.63
N ARG A 91 -21.12 5.62 -17.11
CA ARG A 91 -21.00 5.92 -15.68
C ARG A 91 -22.19 5.37 -14.90
N PHE A 92 -21.89 4.73 -13.77
CA PHE A 92 -22.93 4.13 -12.95
C PHE A 92 -22.91 4.77 -11.56
N THR A 93 -24.09 5.00 -11.00
CA THR A 93 -24.20 5.73 -9.74
C THR A 93 -25.02 4.98 -8.71
N CYS A 94 -24.49 4.90 -7.48
CA CYS A 94 -25.21 4.33 -6.34
CA CYS A 94 -25.27 4.35 -6.37
C CYS A 94 -25.65 5.47 -5.42
N THR A 95 -26.89 5.44 -4.96
CA THR A 95 -27.42 6.51 -4.10
C THR A 95 -28.03 5.92 -2.84
N VAL A 96 -27.69 6.49 -1.69
CA VAL A 96 -28.18 5.99 -0.42
C VAL A 96 -29.06 7.02 0.27
N GLN A 97 -30.22 6.59 0.74
CA GLN A 97 -31.10 7.42 1.56
C GLN A 97 -31.27 6.77 2.92
N HIS A 98 -31.45 7.59 3.93
CA HIS A 98 -31.59 7.12 5.31
C HIS A 98 -32.10 8.26 6.17
N GLU A 99 -32.82 7.94 7.23
CA GLU A 99 -33.44 8.97 8.06
C GLU A 99 -32.44 9.99 8.62
N GLU A 100 -31.17 9.61 8.68
CA GLU A 100 -30.15 10.50 9.23
C GLU A 100 -29.48 11.37 8.16
N LEU A 101 -29.81 11.10 6.90
CA LEU A 101 -29.30 11.89 5.78
C LEU A 101 -30.32 12.92 5.31
N PRO A 102 -29.98 14.21 5.45
CA PRO A 102 -30.84 15.31 5.01
C PRO A 102 -31.08 15.24 3.50
N LEU A 103 -30.06 14.82 2.76
CA LEU A 103 -30.17 14.62 1.33
C LEU A 103 -29.52 13.30 0.96
N PRO A 104 -29.89 12.73 -0.18
CA PRO A 104 -29.32 11.45 -0.60
C PRO A 104 -27.81 11.58 -0.80
N LEU A 105 -27.08 10.50 -0.50
CA LEU A 105 -25.64 10.44 -0.69
C LEU A 105 -25.38 9.59 -1.93
N SER A 106 -24.49 10.05 -2.81
CA SER A 106 -24.26 9.37 -4.09
C SER A 106 -22.78 9.26 -4.46
N LYS A 107 -22.42 8.15 -5.10
CA LYS A 107 -21.08 8.00 -5.68
C LYS A 107 -21.16 7.30 -7.02
N SER A 108 -20.29 7.69 -7.95
CA SER A 108 -20.27 7.12 -9.29
C SER A 108 -19.03 6.26 -9.51
N VAL A 109 -19.17 5.26 -10.37
CA VAL A 109 -18.05 4.41 -10.72
C VAL A 109 -18.10 4.18 -12.22
N TYR A 110 -16.92 4.17 -12.84
CA TYR A 110 -16.83 3.96 -14.28
C TYR A 110 -15.40 3.62 -14.69
N ARG A 111 -15.26 3.04 -15.88
CA ARG A 111 -13.94 2.64 -16.37
C ARG A 111 -13.14 3.83 -16.88
N ASN A 112 -11.83 3.80 -16.64
CA ASN A 112 -10.91 4.77 -17.21
C ASN A 112 -10.70 4.46 -18.70
N THR A 113 -11.10 5.39 -19.56
CA THR A 113 -11.06 5.14 -21.01
C THR A 113 -9.90 5.82 -21.74
N GLY A 114 -8.81 6.09 -21.01
CA GLY A 114 -7.62 6.67 -21.61
C GLY A 114 -6.79 5.62 -22.34
N PRO A 115 -5.57 5.99 -22.76
CA PRO A 115 -4.66 5.10 -23.46
C PRO A 115 -4.30 3.88 -22.63
N THR A 116 -4.11 2.73 -23.28
CA THR A 116 -3.77 1.50 -22.55
C THR A 116 -2.41 0.98 -22.98
N THR A 117 -1.74 0.28 -22.08
CA THR A 117 -0.43 -0.30 -22.31
C THR A 117 -0.38 -1.60 -21.52
N PRO A 118 0.02 -2.71 -22.17
CA PRO A 118 0.02 -4.03 -21.51
C PRO A 118 1.14 -4.14 -20.49
N PRO A 119 0.92 -4.94 -19.43
CA PRO A 119 1.97 -5.15 -18.43
C PRO A 119 3.09 -6.04 -18.95
N LEU A 120 4.27 -5.85 -18.37
CA LEU A 120 5.42 -6.73 -18.53
C LEU A 120 5.55 -7.50 -17.22
N ILE A 121 5.72 -8.80 -17.31
CA ILE A 121 5.75 -9.67 -16.12
C ILE A 121 7.15 -10.25 -15.95
N TYR A 122 7.74 -10.02 -14.78
CA TYR A 122 9.09 -10.51 -14.50
C TYR A 122 9.07 -11.35 -13.23
N PRO A 123 9.21 -12.67 -13.38
CA PRO A 123 9.17 -13.58 -12.23
C PRO A 123 10.55 -13.69 -11.60
N PHE A 124 10.61 -13.81 -10.28
CA PHE A 124 11.87 -13.94 -9.57
C PHE A 124 11.84 -15.22 -8.76
N ALA A 125 12.83 -16.08 -8.99
CA ALA A 125 13.05 -17.24 -8.14
C ALA A 125 13.53 -16.76 -6.76
N PRO A 126 13.55 -17.65 -5.77
CA PRO A 126 14.03 -17.26 -4.44
C PRO A 126 15.47 -16.76 -4.50
N HIS A 127 15.78 -15.76 -3.70
CA HIS A 127 17.16 -15.37 -3.49
C HIS A 127 17.91 -16.59 -2.95
N PRO A 128 19.16 -16.79 -3.42
CA PRO A 128 19.96 -17.95 -2.97
C PRO A 128 20.05 -18.04 -1.45
N GLU A 129 20.08 -16.91 -0.76
CA GLU A 129 20.17 -16.93 0.69
C GLU A 129 18.92 -17.50 1.40
N GLU A 130 17.80 -17.56 0.70
CA GLU A 130 16.57 -18.12 1.28
C GLU A 130 16.55 -19.64 1.28
N LEU A 131 17.38 -20.25 0.46
CA LEU A 131 17.30 -21.70 0.26
C LEU A 131 17.65 -22.52 1.51
N SER A 132 18.28 -21.90 2.50
CA SER A 132 18.60 -22.60 3.74
C SER A 132 17.47 -22.50 4.76
N LEU A 133 16.45 -21.70 4.44
CA LEU A 133 15.28 -21.55 5.31
C LEU A 133 14.23 -22.62 5.00
N SER A 134 13.20 -22.70 5.83
CA SER A 134 12.17 -23.73 5.65
C SER A 134 11.11 -23.30 4.62
N ARG A 135 11.08 -22.01 4.31
CA ARG A 135 10.24 -21.51 3.23
C ARG A 135 11.02 -20.55 2.35
N VAL A 136 10.64 -20.47 1.08
CA VAL A 136 11.22 -19.50 0.15
C VAL A 136 10.14 -18.63 -0.46
N THR A 137 10.55 -17.48 -0.97
CA THR A 137 9.62 -16.55 -1.55
C THR A 137 9.70 -16.57 -3.06
N LEU A 138 8.57 -16.84 -3.72
CA LEU A 138 8.49 -16.67 -5.16
C LEU A 138 7.81 -15.34 -5.38
N SER A 139 8.26 -14.59 -6.37
CA SER A 139 7.62 -13.31 -6.57
C SER A 139 7.59 -12.90 -8.01
N CYS A 140 6.82 -11.84 -8.27
CA CYS A 140 6.57 -11.39 -9.61
CA CYS A 140 6.67 -11.36 -9.63
C CYS A 140 6.46 -9.87 -9.62
N LEU A 141 7.27 -9.19 -10.43
CA LEU A 141 7.10 -7.76 -10.66
C LEU A 141 6.29 -7.64 -11.93
N VAL A 142 5.22 -6.86 -11.88
CA VAL A 142 4.40 -6.60 -13.05
C VAL A 142 4.36 -5.09 -13.24
N ARG A 143 4.86 -4.60 -14.37
CA ARG A 143 5.06 -3.16 -14.52
C ARG A 143 4.78 -2.67 -15.92
N GLY A 144 4.75 -1.35 -16.07
CA GLY A 144 4.68 -0.72 -17.38
C GLY A 144 3.29 -0.59 -17.95
N PHE A 145 2.27 -0.86 -17.14
CA PHE A 145 0.89 -0.94 -17.66
C PHE A 145 0.04 0.31 -17.41
N ARG A 146 -1.00 0.47 -18.23
CA ARG A 146 -2.01 1.52 -18.09
C ARG A 146 -3.30 0.91 -18.60
N PRO A 147 -4.42 1.13 -17.89
CA PRO A 147 -4.56 1.89 -16.65
C PRO A 147 -4.15 1.02 -15.46
N ARG A 148 -4.34 1.56 -14.26
CA ARG A 148 -3.81 0.96 -13.04
C ARG A 148 -4.57 -0.28 -12.58
N ASP A 149 -5.74 -0.55 -13.15
CA ASP A 149 -6.54 -1.70 -12.71
C ASP A 149 -5.95 -3.03 -13.18
N ILE A 150 -5.58 -3.88 -12.24
CA ILE A 150 -4.95 -5.15 -12.59
C ILE A 150 -5.26 -6.18 -11.50
N GLU A 151 -5.21 -7.45 -11.86
CA GLU A 151 -5.38 -8.51 -10.86
C GLU A 151 -4.29 -9.54 -11.05
N ILE A 152 -3.68 -9.96 -9.94
CA ILE A 152 -2.64 -10.98 -10.02
C ILE A 152 -3.13 -12.28 -9.39
N ARG A 153 -2.84 -13.39 -10.04
CA ARG A 153 -3.20 -14.71 -9.50
C ARG A 153 -1.97 -15.61 -9.57
N TRP A 154 -1.97 -16.68 -8.78
CA TRP A 154 -0.88 -17.65 -8.84
C TRP A 154 -1.42 -19.04 -9.10
N LEU A 155 -0.59 -19.87 -9.74
CA LEU A 155 -0.89 -21.28 -9.95
C LEU A 155 0.24 -22.12 -9.39
N ARG A 156 -0.06 -23.35 -9.00
CA ARG A 156 0.97 -24.30 -8.60
C ARG A 156 0.58 -25.64 -9.21
N ASP A 157 1.45 -26.17 -10.07
CA ASP A 157 1.15 -27.38 -10.86
C ASP A 157 -0.22 -27.28 -11.56
N HIS A 158 -0.44 -26.13 -12.19
CA HIS A 158 -1.64 -25.85 -12.98
C HIS A 158 -2.91 -25.70 -12.15
N ARG A 159 -2.77 -25.64 -10.83
CA ARG A 159 -3.91 -25.46 -9.95
C ARG A 159 -3.91 -24.08 -9.29
N ALA A 160 -5.09 -23.51 -9.10
CA ALA A 160 -5.19 -22.17 -8.51
C ALA A 160 -4.79 -22.12 -7.04
N VAL A 161 -4.01 -21.10 -6.70
CA VAL A 161 -3.59 -20.85 -5.33
C VAL A 161 -4.61 -19.93 -4.66
N PRO A 162 -5.12 -20.31 -3.47
CA PRO A 162 -6.07 -19.45 -2.76
C PRO A 162 -5.46 -18.08 -2.46
N ALA A 163 -6.28 -17.03 -2.53
CA ALA A 163 -5.81 -15.65 -2.36
C ALA A 163 -5.18 -15.40 -0.99
N THR A 164 -5.50 -16.24 0.00
CA THR A 164 -4.93 -16.10 1.32
C THR A 164 -3.48 -16.55 1.39
N GLU A 165 -2.99 -17.15 0.32
CA GLU A 165 -1.65 -17.71 0.34
C GLU A 165 -0.60 -16.88 -0.39
N PHE A 166 -1.00 -15.70 -0.85
CA PHE A 166 -0.03 -14.78 -1.43
C PHE A 166 -0.47 -13.36 -1.16
N VAL A 167 0.40 -12.39 -1.42
CA VAL A 167 0.05 -10.99 -1.19
C VAL A 167 0.53 -10.16 -2.36
N THR A 168 -0.28 -9.17 -2.77
CA THR A 168 0.07 -8.32 -3.89
C THR A 168 0.00 -6.88 -3.41
N THR A 169 0.99 -6.08 -3.78
CA THR A 169 1.05 -4.70 -3.27
C THR A 169 0.01 -3.83 -3.94
N ALA A 170 -0.40 -2.76 -3.25
CA ALA A 170 -1.34 -1.82 -3.87
C ALA A 170 -0.67 -1.12 -5.04
N VAL A 171 -1.38 -1.00 -6.15
CA VAL A 171 -0.81 -0.46 -7.39
C VAL A 171 -0.28 0.96 -7.17
N LEU A 172 0.91 1.24 -7.70
CA LEU A 172 1.50 2.59 -7.63
C LEU A 172 2.02 3.04 -8.99
N PRO A 173 2.08 4.36 -9.23
CA PRO A 173 2.74 4.87 -10.42
C PRO A 173 4.21 4.54 -10.33
N GLU A 174 4.84 4.27 -11.47
CA GLU A 174 6.28 4.03 -11.48
C GLU A 174 7.06 5.35 -11.36
N GLU A 175 8.32 5.25 -10.98
CA GLU A 175 9.19 6.42 -10.89
C GLU A 175 9.35 7.05 -12.29
N ARG A 176 9.60 8.35 -12.35
CA ARG A 176 9.57 9.05 -13.62
C ARG A 176 10.59 8.54 -14.63
N THR A 177 11.64 7.89 -14.15
CA THR A 177 12.70 7.40 -15.03
C THR A 177 12.39 6.03 -15.63
N ALA A 178 11.30 5.40 -15.21
CA ALA A 178 11.01 4.01 -15.61
C ALA A 178 10.98 3.64 -17.11
N ASN A 179 10.48 4.50 -17.99
CA ASN A 179 9.89 5.79 -17.68
C ASN A 179 8.38 5.69 -17.82
N GLY A 180 7.95 4.78 -18.68
CA GLY A 180 6.54 4.61 -18.98
C GLY A 180 6.18 5.01 -20.40
N ASP A 184 2.30 8.32 -23.20
CA ASP A 184 1.17 8.73 -22.39
C ASP A 184 1.63 9.37 -21.08
N GLY A 185 0.84 9.18 -20.03
CA GLY A 185 1.18 9.65 -18.71
C GLY A 185 1.91 8.58 -17.93
N ASP A 186 1.54 8.40 -16.67
CA ASP A 186 2.23 7.47 -15.79
C ASP A 186 1.92 6.03 -16.21
N THR A 187 2.88 5.14 -15.98
CA THR A 187 2.61 3.71 -16.01
C THR A 187 2.62 3.26 -14.56
N PHE A 188 2.19 2.03 -14.33
CA PHE A 188 1.94 1.54 -12.98
C PHE A 188 2.63 0.21 -12.75
N PHE A 189 2.76 -0.19 -11.49
CA PHE A 189 3.32 -1.50 -11.19
C PHE A 189 2.70 -2.08 -9.94
N VAL A 190 2.73 -3.39 -9.85
CA VAL A 190 2.44 -4.10 -8.62
C VAL A 190 3.51 -5.16 -8.44
N TYR A 191 3.68 -5.61 -7.20
CA TYR A 191 4.59 -6.70 -6.89
C TYR A 191 3.79 -7.73 -6.12
N SER A 192 3.94 -9.00 -6.46
CA SER A 192 3.21 -10.06 -5.79
C SER A 192 4.18 -11.12 -5.32
N LYS A 193 3.98 -11.65 -4.12
CA LYS A 193 4.86 -12.67 -3.62
C LYS A 193 4.07 -13.79 -2.94
N MET A 194 4.66 -14.99 -2.96
CA MET A 194 4.04 -16.18 -2.39
C MET A 194 5.10 -16.99 -1.69
N SER A 195 4.95 -17.19 -0.38
CA SER A 195 5.88 -18.01 0.39
C SER A 195 5.55 -19.48 0.17
N VAL A 196 6.52 -20.31 -0.21
CA VAL A 196 6.22 -21.73 -0.37
C VAL A 196 7.21 -22.54 0.44
N GLU A 197 6.83 -23.77 0.81
CA GLU A 197 7.74 -24.64 1.53
C GLU A 197 8.96 -24.87 0.64
N THR A 198 10.15 -24.82 1.22
CA THR A 198 11.35 -24.97 0.41
C THR A 198 11.35 -26.31 -0.34
N ALA A 199 10.86 -27.36 0.33
CA ALA A 199 10.72 -28.66 -0.31
C ALA A 199 9.89 -28.65 -1.60
N LYS A 200 8.83 -27.82 -1.65
CA LYS A 200 8.00 -27.75 -2.85
C LYS A 200 8.77 -27.11 -3.99
N TRP A 201 9.57 -26.09 -3.67
CA TRP A 201 10.40 -25.47 -4.69
C TRP A 201 11.47 -26.47 -5.17
N ASN A 202 12.16 -27.09 -4.22
CA ASN A 202 13.25 -27.98 -4.54
C ASN A 202 12.77 -29.22 -5.28
N GLY A 203 11.52 -29.62 -5.02
CA GLY A 203 10.96 -30.81 -5.62
C GLY A 203 10.50 -30.68 -7.06
N GLY A 204 10.56 -29.46 -7.61
CA GLY A 204 10.33 -29.27 -9.02
C GLY A 204 8.92 -28.85 -9.38
N THR A 205 8.12 -28.50 -8.38
CA THR A 205 6.79 -27.98 -8.66
C THR A 205 6.88 -26.79 -9.62
N VAL A 206 5.97 -26.74 -10.59
CA VAL A 206 5.93 -25.59 -11.49
C VAL A 206 4.91 -24.56 -11.01
N PHE A 207 5.39 -23.35 -10.74
CA PHE A 207 4.53 -22.29 -10.29
C PHE A 207 4.32 -21.32 -11.42
N ALA A 208 3.31 -20.48 -11.30
CA ALA A 208 3.10 -19.44 -12.30
C ALA A 208 2.45 -18.23 -11.68
N CYS A 209 2.89 -17.06 -12.11
CA CYS A 209 2.29 -15.77 -11.75
CA CYS A 209 2.19 -15.84 -11.73
C CYS A 209 1.48 -15.31 -12.96
N MET A 210 0.24 -14.90 -12.74
CA MET A 210 -0.64 -14.52 -13.84
C MET A 210 -1.15 -13.11 -13.63
N ALA A 211 -1.12 -12.29 -14.68
CA ALA A 211 -1.71 -10.95 -14.59
C ALA A 211 -2.94 -10.91 -15.48
N VAL A 212 -4.00 -10.33 -14.95
CA VAL A 212 -5.23 -10.10 -15.70
C VAL A 212 -5.34 -8.60 -15.90
N HIS A 213 -5.39 -8.16 -17.16
CA HIS A 213 -5.36 -6.75 -17.48
C HIS A 213 -6.00 -6.55 -18.85
N GLU A 214 -6.80 -5.50 -18.96
CA GLU A 214 -7.57 -5.21 -20.16
C GLU A 214 -6.73 -5.03 -21.43
N ALA A 215 -5.46 -4.66 -21.29
CA ALA A 215 -4.65 -4.35 -22.46
C ALA A 215 -3.97 -5.56 -23.07
N LEU A 216 -4.03 -6.70 -22.39
CA LEU A 216 -3.46 -7.93 -22.93
C LEU A 216 -4.39 -8.53 -23.98
N PRO A 217 -3.81 -9.09 -25.05
CA PRO A 217 -4.58 -9.65 -26.17
C PRO A 217 -5.70 -10.61 -25.72
N MET A 218 -5.36 -11.54 -24.84
CA MET A 218 -6.35 -12.46 -24.28
C MET A 218 -6.76 -12.03 -22.88
N ARG A 219 -6.44 -10.80 -22.53
CA ARG A 219 -6.73 -10.23 -21.22
C ARG A 219 -5.98 -10.84 -20.02
N PHE A 220 -5.11 -11.80 -20.29
CA PHE A 220 -4.21 -12.29 -19.25
C PHE A 220 -2.93 -12.81 -19.86
N SER A 221 -1.93 -12.95 -19.01
CA SER A 221 -0.67 -13.55 -19.42
CA SER A 221 -0.66 -13.52 -19.42
C SER A 221 -0.03 -14.14 -18.18
N GLN A 222 0.84 -15.10 -18.36
CA GLN A 222 1.49 -15.70 -17.21
C GLN A 222 2.96 -16.01 -17.49
N ARG A 223 3.73 -16.12 -16.42
CA ARG A 223 5.12 -16.55 -16.53
C ARG A 223 5.33 -17.66 -15.50
N THR A 224 6.08 -18.68 -15.89
CA THR A 224 6.30 -19.81 -14.99
C THR A 224 7.59 -19.65 -14.18
N LEU A 225 7.61 -20.28 -13.01
CA LEU A 225 8.80 -20.33 -12.17
C LEU A 225 8.98 -21.76 -11.72
N GLN A 226 10.17 -22.30 -11.91
CA GLN A 226 10.45 -23.66 -11.49
C GLN A 226 11.93 -23.75 -11.22
N LYS A 227 12.32 -24.57 -10.26
CA LYS A 227 13.74 -24.64 -9.91
C LYS A 227 14.54 -25.20 -11.07
N GLN A 228 15.69 -24.58 -11.36
CA GLN A 228 16.54 -25.00 -12.46
C GLN A 228 17.74 -25.81 -11.98
N ALA A 229 18.21 -26.73 -12.81
CA ALA A 229 19.37 -27.55 -12.48
C ALA A 229 20.63 -26.70 -12.28
N PRO B 12 -16.95 16.19 15.92
CA PRO B 12 -16.22 15.21 15.13
C PRO B 12 -14.72 15.49 15.13
N ILE B 13 -14.24 16.16 16.17
CA ILE B 13 -12.83 16.52 16.27
C ILE B 13 -11.98 15.27 16.48
N GLN B 14 -10.95 15.11 15.66
CA GLN B 14 -10.06 13.96 15.75
C GLN B 14 -8.62 14.41 15.92
N LEU B 15 -7.88 13.67 16.73
CA LEU B 15 -6.48 13.98 17.01
C LEU B 15 -5.60 12.78 16.65
N TYR B 16 -4.48 13.03 15.97
CA TYR B 16 -3.55 11.99 15.60
C TYR B 16 -2.15 12.37 16.07
N ALA B 17 -1.46 11.43 16.72
CA ALA B 17 -0.05 11.62 17.07
C ALA B 17 0.84 10.77 16.16
N ILE B 18 1.57 11.43 15.28
CA ILE B 18 2.31 10.76 14.22
C ILE B 18 3.78 10.58 14.58
N PRO B 19 4.27 9.34 14.50
CA PRO B 19 5.67 9.06 14.85
C PRO B 19 6.61 9.56 13.75
N PRO B 20 7.87 9.78 14.09
CA PRO B 20 8.86 10.21 13.09
C PRO B 20 9.16 9.05 12.15
N SER B 21 9.73 9.36 11.00
CA SER B 21 10.10 8.32 10.05
C SER B 21 11.41 7.69 10.50
N PRO B 22 11.61 6.40 10.15
CA PRO B 22 12.87 5.75 10.53
C PRO B 22 14.09 6.49 9.98
N GLY B 23 13.98 7.05 8.78
CA GLY B 23 15.09 7.81 8.20
C GLY B 23 15.51 9.00 9.04
N GLU B 24 14.55 9.84 9.44
CA GLU B 24 14.90 10.99 10.26
CA GLU B 24 14.86 11.00 10.28
C GLU B 24 15.42 10.57 11.64
N LEU B 25 14.87 9.48 12.18
CA LEU B 25 15.37 8.99 13.48
C LEU B 25 16.79 8.43 13.41
N TYR B 26 17.04 7.57 12.43
CA TYR B 26 18.22 6.70 12.48
C TYR B 26 19.31 7.03 11.48
N ILE B 27 18.99 7.85 10.49
CA ILE B 27 19.99 8.27 9.51
C ILE B 27 20.44 9.70 9.80
N SER B 28 19.51 10.63 9.86
CA SER B 28 19.91 12.04 10.10
C SER B 28 19.81 12.51 11.56
N LEU B 29 19.07 11.77 12.39
CA LEU B 29 18.90 12.07 13.81
C LEU B 29 18.29 13.45 14.05
N ASP B 30 17.36 13.82 13.18
CA ASP B 30 16.70 15.12 13.28
C ASP B 30 15.20 14.94 13.18
N ALA B 31 14.70 13.92 13.87
CA ALA B 31 13.29 13.56 13.81
C ALA B 31 12.41 14.57 14.53
N LYS B 32 11.15 14.62 14.12
CA LYS B 32 10.13 15.40 14.81
C LYS B 32 8.90 14.55 15.02
N LEU B 33 8.26 14.70 16.18
CA LEU B 33 6.94 14.16 16.40
C LEU B 33 5.96 15.15 15.80
N ARG B 34 4.84 14.65 15.31
CA ARG B 34 3.84 15.52 14.72
C ARG B 34 2.46 15.20 15.25
N CYS B 35 1.73 16.26 15.54
CA CYS B 35 0.37 16.15 16.05
CA CYS B 35 0.37 16.13 16.03
C CYS B 35 -0.55 16.81 15.02
N LEU B 36 -1.60 16.12 14.62
CA LEU B 36 -2.53 16.68 13.65
C LEU B 36 -3.96 16.64 14.19
N VAL B 37 -4.61 17.80 14.21
CA VAL B 37 -5.99 17.89 14.67
C VAL B 37 -6.90 18.25 13.51
N VAL B 38 -7.97 17.48 13.33
CA VAL B 38 -8.86 17.70 12.19
C VAL B 38 -10.30 17.95 12.62
N ASN B 39 -11.06 18.56 11.71
CA ASN B 39 -12.49 18.83 11.94
C ASN B 39 -12.75 19.90 13.00
N LEU B 40 -11.82 20.83 13.13
CA LEU B 40 -12.02 21.98 14.00
C LEU B 40 -13.02 22.94 13.36
N PRO B 41 -14.03 23.36 14.14
CA PRO B 41 -15.04 24.32 13.65
C PRO B 41 -14.48 25.73 13.62
N SER B 42 -13.36 25.94 14.33
CA SER B 42 -12.76 27.25 14.47
C SER B 42 -11.49 27.12 15.29
N ASP B 43 -10.81 28.24 15.51
CA ASP B 43 -9.66 28.27 16.41
C ASP B 43 -10.10 28.78 17.78
N SER B 44 -11.42 28.78 17.99
CA SER B 44 -12.00 29.24 19.24
C SER B 44 -11.41 28.50 20.44
N SER B 45 -10.59 29.20 21.22
CA SER B 45 -9.93 28.63 22.37
C SER B 45 -9.19 27.33 22.03
N LEU B 46 -8.59 27.30 20.84
CA LEU B 46 -7.77 26.17 20.42
C LEU B 46 -6.39 26.19 21.08
N SER B 47 -5.94 25.04 21.55
CA SER B 47 -4.58 24.92 22.05
C SER B 47 -4.08 23.50 21.85
N VAL B 48 -2.89 23.37 21.30
CA VAL B 48 -2.24 22.09 21.14
C VAL B 48 -0.96 22.12 21.95
N THR B 49 -0.81 21.16 22.86
CA THR B 49 0.32 21.17 23.77
C THR B 49 0.98 19.81 23.85
N TRP B 50 2.29 19.80 24.05
CA TRP B 50 3.07 18.58 24.15
C TRP B 50 3.61 18.37 25.56
N THR B 51 3.62 17.12 26.00
CA THR B 51 4.22 16.75 27.26
C THR B 51 5.17 15.59 27.02
N ARG B 52 6.32 15.60 27.68
CA ARG B 52 7.23 14.46 27.63
C ARG B 52 7.15 13.78 28.99
N GLU B 53 7.38 12.47 29.00
CA GLU B 53 7.26 11.67 30.22
C GLU B 53 8.38 11.95 31.22
N LYS B 54 9.59 12.16 30.70
CA LYS B 54 10.75 12.30 31.57
C LYS B 54 11.10 13.75 31.84
N SER B 55 12.09 13.96 32.70
CA SER B 55 12.46 15.33 33.03
C SER B 55 13.05 15.99 31.79
N GLY B 56 12.92 17.30 31.71
CA GLY B 56 13.45 18.04 30.59
C GLY B 56 12.37 18.87 29.94
N ASN B 57 12.73 19.53 28.84
CA ASN B 57 11.80 20.39 28.12
C ASN B 57 11.56 19.91 26.70
N LEU B 58 10.46 20.36 26.12
CA LEU B 58 10.21 20.20 24.69
C LEU B 58 10.14 21.60 24.10
N ARG B 59 10.43 21.72 22.82
CA ARG B 59 10.35 23.02 22.15
C ARG B 59 9.67 22.88 20.81
N PRO B 60 8.33 22.85 20.81
CA PRO B 60 7.60 22.66 19.56
C PRO B 60 7.79 23.80 18.57
N ASP B 61 7.73 23.46 17.28
CA ASP B 61 7.68 24.45 16.22
C ASP B 61 6.38 25.24 16.33
N PRO B 62 6.30 26.39 15.65
CA PRO B 62 5.03 27.12 15.59
C PRO B 62 3.91 26.23 15.04
N MET B 63 2.74 26.27 15.67
CA MET B 63 1.60 25.50 15.19
C MET B 63 1.08 26.11 13.89
N VAL B 64 0.60 25.25 13.00
CA VAL B 64 0.12 25.71 11.70
C VAL B 64 -1.37 25.43 11.52
N LEU B 65 -2.13 26.47 11.24
CA LEU B 65 -3.56 26.35 10.98
C LEU B 65 -3.84 26.36 9.48
N GLN B 66 -4.57 25.36 9.02
CA GLN B 66 -4.95 25.25 7.61
C GLN B 66 -6.46 25.30 7.47
N GLU B 67 -6.95 26.03 6.48
CA GLU B 67 -8.37 26.01 6.14
C GLU B 67 -8.66 24.94 5.09
N HIS B 68 -9.83 24.33 5.19
CA HIS B 68 -10.23 23.28 4.26
C HIS B 68 -11.52 23.61 3.52
N PHE B 69 -11.69 23.02 2.35
CA PHE B 69 -12.86 23.28 1.52
C PHE B 69 -14.13 22.69 2.13
N ASN B 70 -13.99 21.57 2.84
CA ASN B 70 -15.14 20.95 3.49
C ASN B 70 -15.67 21.77 4.67
N GLY B 71 -15.15 22.99 4.81
CA GLY B 71 -15.63 23.92 5.82
C GLY B 71 -14.98 23.77 7.18
N THR B 72 -13.94 22.94 7.26
CA THR B 72 -13.30 22.65 8.54
C THR B 72 -11.93 23.32 8.68
N TYR B 73 -11.34 23.17 9.85
CA TYR B 73 -9.99 23.63 10.11
C TYR B 73 -9.15 22.45 10.60
N SER B 74 -7.87 22.46 10.26
CA SER B 74 -6.93 21.51 10.83
C SER B 74 -5.76 22.26 11.43
N ALA B 75 -5.17 21.68 12.46
CA ALA B 75 -4.01 22.26 13.11
C ALA B 75 -2.92 21.20 13.15
N SER B 76 -1.69 21.61 12.86
CA SER B 76 -0.57 20.69 12.98
C SER B 76 0.55 21.29 13.82
N SER B 77 1.17 20.45 14.64
CA SER B 77 2.24 20.89 15.51
C SER B 77 3.34 19.83 15.52
N ALA B 78 4.55 20.24 15.20
CA ALA B 78 5.69 19.32 15.18
C ALA B 78 6.65 19.69 16.30
N VAL B 79 7.37 18.70 16.82
CA VAL B 79 8.31 18.95 17.90
C VAL B 79 9.54 18.08 17.73
N PRO B 80 10.73 18.69 17.80
CA PRO B 80 11.95 17.89 17.70
C PRO B 80 12.06 16.89 18.84
N VAL B 81 12.48 15.68 18.50
CA VAL B 81 12.72 14.63 19.50
C VAL B 81 14.10 14.05 19.21
N SER B 82 14.92 13.88 20.24
CA SER B 82 16.22 13.29 20.01
C SER B 82 16.07 11.78 19.86
N THR B 83 16.91 11.20 19.02
CA THR B 83 16.83 9.78 18.80
C THR B 83 17.15 8.99 20.08
N GLN B 84 18.07 9.51 20.87
CA GLN B 84 18.40 8.86 22.14
C GLN B 84 17.18 8.80 23.06
N ASP B 85 16.42 9.90 23.10
CA ASP B 85 15.22 9.95 23.96
C ASP B 85 14.14 8.99 23.45
N TRP B 86 13.93 8.99 22.14
CA TRP B 86 13.02 8.04 21.49
C TRP B 86 13.40 6.60 21.81
N LEU B 87 14.66 6.26 21.59
CA LEU B 87 15.09 4.87 21.79
C LEU B 87 15.01 4.41 23.25
N SER B 88 15.04 5.37 24.17
CA SER B 88 14.98 5.05 25.60
C SER B 88 13.60 4.58 26.02
N GLY B 89 12.60 4.78 25.17
CA GLY B 89 11.26 4.34 25.49
C GLY B 89 10.38 5.44 26.06
N GLU B 90 10.90 6.67 26.05
CA GLU B 90 10.14 7.80 26.56
C GLU B 90 8.84 8.01 25.79
N ARG B 91 7.76 8.29 26.51
CA ARG B 91 6.47 8.55 25.88
C ARG B 91 6.25 10.05 25.71
N PHE B 92 5.68 10.43 24.57
CA PHE B 92 5.39 11.84 24.29
C PHE B 92 3.90 11.97 24.00
N THR B 93 3.29 12.98 24.59
CA THR B 93 1.85 13.11 24.51
C THR B 93 1.45 14.47 23.98
N CYS B 94 0.55 14.49 23.01
CA CYS B 94 -0.03 15.72 22.49
CA CYS B 94 0.00 15.75 22.54
C CYS B 94 -1.46 15.85 23.00
N THR B 95 -1.83 17.05 23.44
CA THR B 95 -3.16 17.28 23.98
C THR B 95 -3.82 18.45 23.26
N VAL B 96 -5.09 18.30 22.94
CA VAL B 96 -5.83 19.36 22.28
C VAL B 96 -6.98 19.82 23.14
N GLN B 97 -7.09 21.13 23.29
CA GLN B 97 -8.24 21.73 23.98
C GLN B 97 -8.95 22.65 23.00
N HIS B 98 -10.25 22.80 23.18
CA HIS B 98 -11.06 23.63 22.30
C HIS B 98 -12.41 23.88 22.93
N GLU B 99 -13.03 25.01 22.57
CA GLU B 99 -14.33 25.37 23.10
C GLU B 99 -15.38 24.28 22.95
N GLU B 100 -15.31 23.55 21.85
CA GLU B 100 -16.27 22.49 21.58
C GLU B 100 -15.86 21.16 22.22
N LEU B 101 -14.68 21.13 22.84
CA LEU B 101 -14.21 19.92 23.50
C LEU B 101 -14.49 19.93 25.00
N PRO B 102 -15.56 19.24 25.43
CA PRO B 102 -15.93 19.17 26.85
C PRO B 102 -14.75 18.71 27.67
N LEU B 103 -14.02 17.72 27.14
CA LEU B 103 -12.80 17.23 27.76
C LEU B 103 -11.67 17.28 26.75
N PRO B 104 -10.47 17.60 27.21
CA PRO B 104 -9.29 17.60 26.32
C PRO B 104 -9.10 16.23 25.68
N LEU B 105 -8.50 16.19 24.50
CA LEU B 105 -8.17 14.94 23.84
C LEU B 105 -6.67 14.79 23.89
N SER B 106 -6.18 13.59 24.19
CA SER B 106 -4.74 13.33 24.16
C SER B 106 -4.44 12.08 23.36
N LYS B 107 -3.27 12.05 22.75
CA LYS B 107 -2.76 10.84 22.09
C LYS B 107 -1.28 10.75 22.39
N SER B 108 -0.77 9.54 22.61
CA SER B 108 0.64 9.36 22.90
C SER B 108 1.36 8.69 21.75
N VAL B 109 2.65 8.96 21.65
CA VAL B 109 3.48 8.31 20.65
C VAL B 109 4.80 7.93 21.30
N TYR B 110 5.32 6.77 20.94
CA TYR B 110 6.52 6.25 21.58
C TYR B 110 7.08 5.11 20.75
N ARG B 111 8.35 4.79 20.97
CA ARG B 111 8.98 3.70 20.24
C ARG B 111 8.27 2.38 20.58
N ASN B 112 8.06 1.56 19.56
CA ASN B 112 7.43 0.25 19.70
C ASN B 112 7.86 -0.55 20.93
N THR B 113 6.87 -1.08 21.64
CA THR B 113 7.16 -1.94 22.79
C THR B 113 6.70 -3.38 22.55
N GLY B 114 5.96 -3.60 21.48
CA GLY B 114 5.58 -4.96 21.12
C GLY B 114 6.76 -5.75 20.57
N PRO B 115 6.51 -7.00 20.17
CA PRO B 115 7.58 -7.84 19.60
C PRO B 115 8.31 -7.12 18.47
N THR B 116 9.62 -7.32 18.40
CA THR B 116 10.39 -6.73 17.32
C THR B 116 11.15 -7.84 16.63
N THR B 117 11.30 -7.69 15.32
CA THR B 117 11.96 -8.69 14.48
C THR B 117 12.65 -7.95 13.35
N PRO B 118 13.95 -8.21 13.15
CA PRO B 118 14.72 -7.51 12.12
C PRO B 118 14.32 -7.91 10.70
N PRO B 119 14.40 -6.97 9.76
CA PRO B 119 14.08 -7.25 8.35
C PRO B 119 15.12 -8.15 7.69
N LEU B 120 14.65 -8.99 6.77
CA LEU B 120 15.54 -9.74 5.87
C LEU B 120 15.52 -9.01 4.53
N ILE B 121 16.70 -8.76 3.98
CA ILE B 121 16.82 -7.93 2.78
C ILE B 121 17.36 -8.75 1.61
N TYR B 122 16.58 -8.86 0.55
CA TYR B 122 16.93 -9.67 -0.62
C TYR B 122 16.96 -8.84 -1.91
N PRO B 123 18.15 -8.46 -2.38
CA PRO B 123 18.33 -7.68 -3.61
C PRO B 123 18.17 -8.56 -4.83
N PHE B 124 17.53 -8.04 -5.87
CA PHE B 124 17.42 -8.76 -7.13
C PHE B 124 18.02 -7.99 -8.28
N ALA B 125 18.89 -8.67 -9.02
CA ALA B 125 19.39 -8.12 -10.27
C ALA B 125 18.27 -8.06 -11.32
N PRO B 126 18.51 -7.37 -12.43
CA PRO B 126 17.49 -7.30 -13.47
C PRO B 126 17.15 -8.68 -14.02
N HIS B 127 15.89 -8.91 -14.35
CA HIS B 127 15.51 -10.11 -15.07
C HIS B 127 16.27 -10.13 -16.38
N PRO B 128 16.80 -11.30 -16.78
CA PRO B 128 17.61 -11.40 -18.00
C PRO B 128 16.94 -10.78 -19.23
N GLU B 129 15.61 -10.84 -19.27
CA GLU B 129 14.88 -10.35 -20.44
C GLU B 129 14.84 -8.83 -20.51
N GLU B 130 15.31 -8.17 -19.45
CA GLU B 130 15.38 -6.70 -19.43
C GLU B 130 16.64 -6.14 -20.07
N LEU B 131 17.66 -6.99 -20.22
CA LEU B 131 18.98 -6.52 -20.63
C LEU B 131 19.08 -5.97 -22.05
N SER B 132 18.03 -6.20 -22.85
CA SER B 132 17.98 -5.66 -24.21
C SER B 132 17.45 -4.23 -24.21
N LEU B 133 16.87 -3.81 -23.10
CA LEU B 133 16.26 -2.48 -22.99
C LEU B 133 17.30 -1.43 -22.59
N SER B 134 16.93 -0.17 -22.73
CA SER B 134 17.86 0.93 -22.41
C SER B 134 17.92 1.21 -20.90
N ARG B 135 16.93 0.72 -20.16
CA ARG B 135 16.98 0.78 -18.71
C ARG B 135 16.59 -0.57 -18.15
N VAL B 136 17.12 -0.91 -16.97
CA VAL B 136 16.79 -2.15 -16.30
C VAL B 136 16.33 -1.88 -14.89
N THR B 137 15.63 -2.83 -14.27
CA THR B 137 15.09 -2.63 -12.94
C THR B 137 15.91 -3.34 -11.89
N LEU B 138 16.43 -2.59 -10.91
CA LEU B 138 17.03 -3.19 -9.73
C LEU B 138 15.97 -3.19 -8.66
N SER B 139 15.91 -4.23 -7.84
CA SER B 139 14.86 -4.22 -6.83
C SER B 139 15.29 -4.92 -5.56
N CYS B 140 14.48 -4.75 -4.53
CA CYS B 140 14.80 -5.23 -3.21
CA CYS B 140 14.80 -5.32 -3.24
C CYS B 140 13.53 -5.67 -2.50
N LEU B 141 13.46 -6.92 -2.04
CA LEU B 141 12.37 -7.36 -1.19
C LEU B 141 12.89 -7.27 0.23
N VAL B 142 12.15 -6.59 1.11
CA VAL B 142 12.53 -6.55 2.51
C VAL B 142 11.35 -7.13 3.30
N ARG B 143 11.57 -8.18 4.07
CA ARG B 143 10.46 -8.93 4.66
C ARG B 143 10.75 -9.47 6.06
N GLY B 144 9.71 -9.96 6.72
CA GLY B 144 9.85 -10.66 7.99
C GLY B 144 10.01 -9.77 9.23
N PHE B 145 9.77 -8.48 9.08
CA PHE B 145 10.07 -7.51 10.14
C PHE B 145 8.87 -7.11 10.99
N ARG B 146 9.15 -6.65 12.22
CA ARG B 146 8.16 -6.07 13.13
C ARG B 146 8.90 -5.01 13.94
N PRO B 147 8.29 -3.84 14.14
CA PRO B 147 6.97 -3.43 13.70
C PRO B 147 7.02 -2.99 12.25
N ARG B 148 5.88 -2.51 11.75
CA ARG B 148 5.74 -2.19 10.34
C ARG B 148 6.50 -0.96 9.84
N ASP B 149 6.94 -0.10 10.77
CA ASP B 149 7.63 1.15 10.39
C ASP B 149 9.02 0.91 9.81
N ILE B 150 9.21 1.26 8.54
CA ILE B 150 10.46 0.98 7.85
C ILE B 150 10.66 2.01 6.75
N GLU B 151 11.92 2.30 6.43
CA GLU B 151 12.22 3.20 5.32
C GLU B 151 13.27 2.55 4.43
N ILE B 152 13.11 2.67 3.12
CA ILE B 152 14.06 2.09 2.18
C ILE B 152 14.75 3.23 1.43
N ARG B 153 16.06 3.15 1.30
CA ARG B 153 16.82 4.15 0.56
C ARG B 153 17.71 3.42 -0.41
N TRP B 154 18.19 4.13 -1.42
CA TRP B 154 19.09 3.52 -2.38
C TRP B 154 20.38 4.33 -2.51
N LEU B 155 21.47 3.62 -2.82
CA LEU B 155 22.74 4.26 -3.08
C LEU B 155 23.22 3.86 -4.46
N ARG B 156 23.97 4.77 -5.08
CA ARG B 156 24.56 4.56 -6.40
C ARG B 156 25.99 5.07 -6.29
N ASP B 157 26.96 4.18 -6.51
CA ASP B 157 28.38 4.50 -6.32
C ASP B 157 28.62 5.26 -5.01
N HIS B 158 28.02 4.75 -3.94
CA HIS B 158 28.26 5.22 -2.59
C HIS B 158 27.60 6.55 -2.24
N ARG B 159 26.74 7.04 -3.13
CA ARG B 159 26.04 8.29 -2.89
C ARG B 159 24.53 8.09 -2.85
N ALA B 160 23.85 8.89 -2.04
CA ALA B 160 22.41 8.77 -1.89
C ALA B 160 21.69 9.08 -3.21
N VAL B 161 20.72 8.24 -3.54
CA VAL B 161 19.84 8.42 -4.69
C VAL B 161 18.60 9.22 -4.27
N PRO B 162 18.25 10.25 -5.03
CA PRO B 162 17.07 11.07 -4.72
C PRO B 162 15.81 10.23 -4.75
N ALA B 163 14.84 10.54 -3.89
CA ALA B 163 13.62 9.73 -3.76
C ALA B 163 12.80 9.66 -5.05
N THR B 164 12.96 10.65 -5.92
CA THR B 164 12.22 10.67 -7.18
C THR B 164 12.69 9.58 -8.14
N GLU B 165 13.81 8.93 -7.83
CA GLU B 165 14.40 7.98 -8.77
C GLU B 165 14.11 6.51 -8.42
N PHE B 166 13.30 6.29 -7.39
CA PHE B 166 12.88 4.93 -7.06
C PHE B 166 11.50 4.95 -6.45
N VAL B 167 10.94 3.77 -6.24
CA VAL B 167 9.61 3.70 -5.66
C VAL B 167 9.51 2.50 -4.73
N THR B 168 8.87 2.72 -3.60
CA THR B 168 8.73 1.68 -2.58
C THR B 168 7.24 1.46 -2.28
N THR B 169 6.84 0.19 -2.19
CA THR B 169 5.44 -0.13 -1.92
C THR B 169 5.05 0.18 -0.47
N ALA B 170 3.78 0.51 -0.26
CA ALA B 170 3.28 0.72 1.10
C ALA B 170 3.36 -0.58 1.86
N VAL B 171 3.82 -0.50 3.11
CA VAL B 171 4.03 -1.70 3.93
C VAL B 171 2.72 -2.50 4.09
N LEU B 172 2.84 -3.82 4.00
CA LEU B 172 1.70 -4.72 4.17
C LEU B 172 2.07 -5.89 5.06
N PRO B 173 1.09 -6.44 5.78
CA PRO B 173 1.33 -7.71 6.48
C PRO B 173 1.58 -8.82 5.47
N GLU B 174 2.46 -9.75 5.82
CA GLU B 174 2.70 -10.89 4.94
C GLU B 174 1.56 -11.88 5.00
N GLU B 175 1.48 -12.74 3.98
CA GLU B 175 0.47 -13.78 3.96
C GLU B 175 0.63 -14.68 5.18
N ARG B 176 -0.46 -15.31 5.59
CA ARG B 176 -0.50 -16.08 6.84
C ARG B 176 0.44 -17.28 6.88
N THR B 177 0.93 -17.71 5.73
CA THR B 177 1.80 -18.88 5.65
C THR B 177 3.28 -18.50 5.78
N ALA B 178 3.58 -17.22 5.68
CA ALA B 178 4.97 -16.76 5.47
C ALA B 178 5.96 -17.11 6.60
N ASN B 179 5.43 -17.35 7.79
CA ASN B 179 6.29 -17.66 8.94
C ASN B 179 6.12 -19.09 9.44
N ASP B 184 3.93 -14.35 17.44
CA ASP B 184 4.14 -12.95 17.79
C ASP B 184 3.43 -12.00 16.82
N GLY B 185 2.41 -12.51 16.14
CA GLY B 185 1.59 -11.70 15.25
C GLY B 185 2.16 -11.54 13.87
N ASP B 186 1.58 -10.62 13.10
CA ASP B 186 1.97 -10.40 11.72
C ASP B 186 3.41 -9.94 11.61
N THR B 187 4.06 -10.37 10.55
CA THR B 187 5.29 -9.72 10.07
C THR B 187 4.91 -8.96 8.82
N PHE B 188 5.81 -8.09 8.37
CA PHE B 188 5.51 -7.16 7.28
C PHE B 188 6.54 -7.21 6.17
N PHE B 189 6.20 -6.64 5.03
CA PHE B 189 7.16 -6.56 3.93
C PHE B 189 6.93 -5.29 3.12
N VAL B 190 8.00 -4.85 2.45
CA VAL B 190 7.92 -3.82 1.43
C VAL B 190 8.78 -4.27 0.26
N TYR B 191 8.51 -3.70 -0.91
CA TYR B 191 9.31 -3.97 -2.09
C TYR B 191 9.72 -2.64 -2.68
N SER B 192 10.96 -2.51 -3.11
CA SER B 192 11.43 -1.23 -3.65
C SER B 192 12.13 -1.49 -4.96
N LYS B 193 11.95 -0.61 -5.93
CA LYS B 193 12.63 -0.82 -7.20
C LYS B 193 13.15 0.48 -7.75
N MET B 194 14.20 0.38 -8.56
CA MET B 194 14.85 1.55 -9.11
C MET B 194 15.28 1.24 -10.52
N SER B 195 14.83 2.05 -11.47
CA SER B 195 15.22 1.90 -12.87
C SER B 195 16.59 2.54 -13.06
N VAL B 196 17.53 1.81 -13.64
CA VAL B 196 18.87 2.33 -13.86
C VAL B 196 19.26 2.19 -15.32
N GLU B 197 20.14 3.07 -15.80
CA GLU B 197 20.61 2.97 -17.17
C GLU B 197 21.36 1.65 -17.37
N THR B 198 21.00 0.95 -18.44
CA THR B 198 21.60 -0.35 -18.73
C THR B 198 23.11 -0.25 -18.88
N ALA B 199 23.58 0.82 -19.51
CA ALA B 199 25.00 1.07 -19.67
C ALA B 199 25.73 1.14 -18.32
N LYS B 200 25.07 1.73 -17.32
CA LYS B 200 25.68 1.87 -15.99
C LYS B 200 25.73 0.50 -15.30
N TRP B 201 24.62 -0.24 -15.39
CA TRP B 201 24.59 -1.59 -14.83
C TRP B 201 25.69 -2.44 -15.45
N ASN B 202 25.75 -2.45 -16.78
CA ASN B 202 26.74 -3.26 -17.49
C ASN B 202 28.16 -2.80 -17.19
N GLY B 203 28.28 -1.54 -16.81
CA GLY B 203 29.58 -0.94 -16.58
C GLY B 203 30.20 -1.26 -15.23
N GLY B 204 29.44 -1.89 -14.33
CA GLY B 204 29.99 -2.31 -13.07
C GLY B 204 29.74 -1.36 -11.90
N THR B 205 28.93 -0.34 -12.13
CA THR B 205 28.52 0.54 -11.04
C THR B 205 27.93 -0.29 -9.90
N VAL B 206 28.30 0.05 -8.66
CA VAL B 206 27.75 -0.64 -7.49
C VAL B 206 26.57 0.13 -6.95
N PHE B 207 25.44 -0.56 -6.84
CA PHE B 207 24.25 0.04 -6.26
C PHE B 207 23.99 -0.64 -4.92
N ALA B 208 23.15 -0.04 -4.11
CA ALA B 208 22.79 -0.68 -2.85
C ALA B 208 21.38 -0.30 -2.42
N CYS B 209 20.66 -1.27 -1.87
CA CYS B 209 19.35 -1.04 -1.27
CA CYS B 209 19.39 -0.94 -1.26
C CYS B 209 19.55 -1.03 0.25
N MET B 210 19.09 0.00 0.94
CA MET B 210 19.29 0.11 2.39
C MET B 210 17.95 0.10 3.12
N ALA B 211 17.82 -0.73 4.14
CA ALA B 211 16.63 -0.70 4.98
C ALA B 211 16.97 0.00 6.28
N VAL B 212 16.06 0.85 6.74
CA VAL B 212 16.24 1.58 8.00
C VAL B 212 15.10 1.11 8.90
N HIS B 213 15.45 0.50 10.02
CA HIS B 213 14.45 -0.15 10.86
C HIS B 213 15.01 -0.32 12.26
N GLU B 214 14.19 -0.05 13.27
CA GLU B 214 14.64 -0.02 14.65
C GLU B 214 15.22 -1.35 15.15
N ALA B 215 14.83 -2.46 14.54
CA ALA B 215 15.29 -3.78 15.00
C ALA B 215 16.65 -4.18 14.47
N LEU B 216 17.19 -3.43 13.52
CA LEU B 216 18.51 -3.73 12.98
C LEU B 216 19.61 -3.29 13.95
N PRO B 217 20.71 -4.06 14.01
CA PRO B 217 21.84 -3.81 14.92
C PRO B 217 22.23 -2.33 15.00
N MET B 218 22.52 -1.73 13.85
CA MET B 218 22.87 -0.31 13.78
C MET B 218 21.72 0.56 13.26
N ARG B 219 20.51 0.00 13.28
CA ARG B 219 19.30 0.69 12.82
C ARG B 219 19.20 0.77 11.30
N PHE B 220 20.20 0.30 10.58
CA PHE B 220 20.10 0.22 9.13
C PHE B 220 21.02 -0.87 8.63
N SER B 221 20.77 -1.33 7.41
CA SER B 221 21.59 -2.34 6.81
C SER B 221 21.44 -2.20 5.31
N GLN B 222 22.51 -2.47 4.57
CA GLN B 222 22.41 -2.37 3.13
C GLN B 222 22.93 -3.64 2.45
N ARG B 223 22.41 -3.91 1.26
CA ARG B 223 22.91 -5.01 0.46
C ARG B 223 23.28 -4.45 -0.90
N THR B 224 24.42 -4.86 -1.42
CA THR B 224 24.87 -4.32 -2.70
C THR B 224 24.35 -5.11 -3.90
N LEU B 225 24.22 -4.42 -5.03
CA LEU B 225 23.91 -5.03 -6.31
C LEU B 225 24.92 -4.53 -7.32
N GLN B 226 25.50 -5.45 -8.08
CA GLN B 226 26.48 -5.11 -9.09
C GLN B 226 26.45 -6.24 -10.10
N LYS B 227 26.58 -5.91 -11.38
CA LYS B 227 26.58 -6.95 -12.41
C LYS B 227 27.66 -8.01 -12.17
N GLN B 228 27.31 -9.27 -12.43
CA GLN B 228 28.27 -10.35 -12.30
C GLN B 228 28.93 -10.63 -13.65
N ALA B 229 30.24 -10.89 -13.61
CA ALA B 229 31.00 -11.15 -14.82
C ALA B 229 30.66 -12.52 -15.39
#